data_5LBY
#
_entry.id   5LBY
#
_cell.length_a   61.586
_cell.length_b   79.401
_cell.length_c   106.571
_cell.angle_alpha   90.00
_cell.angle_beta   90.00
_cell.angle_gamma   90.00
#
_symmetry.space_group_name_H-M   'P 21 21 21'
#
loop_
_entity.id
_entity.type
_entity.pdbx_description
1 polymer 'Ribosyldihydronicotinamide dehydrogenase [quinone]'
2 non-polymer 'ZINC ION'
3 non-polymer 'FLAVIN-ADENINE DINUCLEOTIDE'
4 non-polymer 1-(2-{5-[(3-Methyloxetan-3-yl)methoxy]-1H-benzimidazol-1-yl}quinolin-8-yl)piperidin-4-amine
5 water water
#
_entity_poly.entity_id   1
_entity_poly.type   'polypeptide(L)'
_entity_poly.pdbx_seq_one_letter_code
;MAGKKVLIVYAHQEPKSFNGSLKNVAVDELSRQGCTVTVSDLYAMNLEPRATDKDITGTLSNPEVFNYGVETHEAYKQRS
LASDITDEQKKVREADLVIFQFPLYWFSVPAILKGWMDRVLCQGFAFDIPGFYDSGLLQGKLALLSVTTGGTAEMYTKTG
VNGDSRYFLWPLQHGTLHFCGFKVLAPQISFAPEIASEEERKGMVAAWSQRLQTIWKEEPIPCTAHWHFGQHHHHHH
;
_entity_poly.pdbx_strand_id   A,B
#
loop_
_chem_comp.id
_chem_comp.type
_chem_comp.name
_chem_comp.formula
6T2 non-polymer 1-(2-{5-[(3-Methyloxetan-3-yl)methoxy]-1H-benzimidazol-1-yl}quinolin-8-yl)piperidin-4-amine 'C26 H29 N5 O2'
FAD non-polymer 'FLAVIN-ADENINE DINUCLEOTIDE' 'C27 H33 N9 O15 P2'
ZN non-polymer 'ZINC ION' 'Zn 2'
#
# COMPACT_ATOMS: atom_id res chain seq x y z
N GLY A 3 13.22 30.65 7.16
CA GLY A 3 13.11 29.41 8.01
C GLY A 3 12.54 28.22 7.17
N LYS A 4 12.76 26.99 7.60
CA LYS A 4 12.12 25.80 6.98
C LYS A 4 11.65 24.80 8.04
N LYS A 5 10.53 24.19 7.73
CA LYS A 5 9.88 23.20 8.61
C LYS A 5 9.86 21.83 7.89
N VAL A 6 10.23 20.79 8.64
CA VAL A 6 10.32 19.45 8.10
C VAL A 6 9.49 18.50 8.97
N LEU A 7 8.69 17.68 8.30
CA LEU A 7 7.98 16.57 8.96
C LEU A 7 8.60 15.29 8.45
N ILE A 8 9.00 14.42 9.39
CA ILE A 8 9.44 13.05 9.07
C ILE A 8 8.34 12.09 9.51
N VAL A 9 7.79 11.39 8.54
CA VAL A 9 6.78 10.37 8.82
C VAL A 9 7.51 9.05 8.81
N TYR A 10 7.66 8.47 10.00
CA TYR A 10 8.57 7.36 10.26
C TYR A 10 7.78 6.08 10.61
N ALA A 11 8.12 5.01 9.90
CA ALA A 11 7.41 3.73 10.04
C ALA A 11 8.35 2.54 10.26
N HIS A 12 8.83 2.42 11.50
CA HIS A 12 9.58 1.23 11.87
C HIS A 12 9.31 0.94 13.34
N GLN A 13 9.18 -0.34 13.70
CA GLN A 13 8.88 -0.77 15.03
C GLN A 13 9.99 -0.60 16.06
N GLU A 14 11.22 -0.54 15.60
CA GLU A 14 12.35 -0.70 16.51
C GLU A 14 13.27 0.55 16.49
N PRO A 15 13.43 1.21 17.65
CA PRO A 15 14.24 2.41 17.67
C PRO A 15 15.72 2.18 17.31
N LYS A 16 16.25 0.99 17.58
CA LYS A 16 17.65 0.70 17.30
C LYS A 16 17.89 0.18 15.88
N SER A 17 16.84 0.20 15.05
CA SER A 17 16.95 -0.26 13.70
C SER A 17 17.78 0.71 12.84
N PHE A 18 18.17 0.20 11.67
CA PHE A 18 18.77 1.02 10.66
C PHE A 18 17.84 2.17 10.25
N ASN A 19 16.55 1.89 10.06
CA ASN A 19 15.59 2.99 9.80
C ASN A 19 15.59 3.99 10.91
N GLY A 20 15.62 3.52 12.16
CA GLY A 20 15.65 4.44 13.29
C GLY A 20 16.89 5.34 13.23
N SER A 21 18.05 4.78 12.85
CA SER A 21 19.27 5.56 12.71
C SER A 21 19.16 6.59 11.61
N LEU A 22 18.52 6.26 10.49
CA LEU A 22 18.33 7.22 9.41
C LEU A 22 17.40 8.34 9.86
N LYS A 23 16.34 8.02 10.59
CA LYS A 23 15.48 9.05 11.14
C LYS A 23 16.25 9.94 12.13
N ASN A 24 17.03 9.34 13.01
CA ASN A 24 17.75 10.12 14.02
C ASN A 24 18.80 11.05 13.39
N VAL A 25 19.51 10.58 12.36
CA VAL A 25 20.51 11.44 11.74
C VAL A 25 19.84 12.56 11.03
N ALA A 26 18.64 12.35 10.45
CA ALA A 26 17.87 13.42 9.80
C ALA A 26 17.50 14.47 10.85
N VAL A 27 16.98 14.02 11.99
CA VAL A 27 16.65 14.99 13.05
C VAL A 27 17.93 15.75 13.42
N ASP A 28 19.02 15.04 13.64
CA ASP A 28 20.29 15.69 14.08
C ASP A 28 20.74 16.77 13.06
N GLU A 29 20.77 16.40 11.79
CA GLU A 29 21.33 17.32 10.78
C GLU A 29 20.38 18.47 10.47
N LEU A 30 19.08 18.19 10.34
CA LEU A 30 18.13 19.26 10.07
C LEU A 30 18.03 20.18 11.27
N SER A 31 18.10 19.63 12.49
CA SER A 31 18.07 20.48 13.71
C SER A 31 19.31 21.39 13.73
N ARG A 32 20.48 20.84 13.40
CA ARG A 32 21.74 21.61 13.34
C ARG A 32 21.64 22.79 12.40
N GLN A 33 20.96 22.60 11.28
CA GLN A 33 20.77 23.66 10.31
C GLN A 33 19.87 24.78 10.82
N GLY A 34 19.07 24.50 11.84
CA GLY A 34 18.12 25.46 12.35
C GLY A 34 16.70 25.24 11.85
N CYS A 35 16.45 24.11 11.20
CA CYS A 35 15.09 23.81 10.76
C CYS A 35 14.21 23.44 11.95
N THR A 36 12.94 23.66 11.75
CA THR A 36 11.91 23.13 12.67
C THR A 36 11.65 21.69 12.25
N VAL A 37 11.73 20.74 13.18
CA VAL A 37 11.62 19.31 12.81
C VAL A 37 10.58 18.64 13.73
N THR A 38 9.68 17.88 13.10
CA THR A 38 8.71 17.07 13.77
C THR A 38 8.81 15.64 13.21
N VAL A 39 8.69 14.63 14.09
CA VAL A 39 8.65 13.24 13.66
C VAL A 39 7.31 12.67 14.09
N SER A 40 6.60 12.07 13.13
CA SER A 40 5.43 11.21 13.39
C SER A 40 5.90 9.76 13.40
N ASP A 41 6.06 9.24 14.62
CA ASP A 41 6.53 7.82 14.81
C ASP A 41 5.29 6.95 14.84
N LEU A 42 4.91 6.46 13.67
CA LEU A 42 3.59 5.85 13.51
C LEU A 42 3.37 4.64 14.46
N TYR A 43 4.35 3.74 14.56
CA TYR A 43 4.15 2.61 15.45
C TYR A 43 4.07 3.03 16.92
N ALA A 44 4.87 4.00 17.33
CA ALA A 44 4.81 4.48 18.70
C ALA A 44 3.49 5.19 19.01
N MET A 45 2.92 5.83 18.01
CA MET A 45 1.63 6.47 18.12
C MET A 45 0.47 5.46 18.01
N ASN A 46 0.79 4.21 17.67
CA ASN A 46 -0.20 3.20 17.39
C ASN A 46 -1.24 3.71 16.38
N LEU A 47 -0.77 4.38 15.34
CA LEU A 47 -1.65 4.99 14.38
C LEU A 47 -2.64 3.99 13.81
N GLU A 48 -3.91 4.39 13.81
CA GLU A 48 -4.96 3.62 13.19
C GLU A 48 -4.76 3.58 11.67
N PRO A 49 -4.65 2.40 11.03
CA PRO A 49 -4.51 2.39 9.58
C PRO A 49 -5.79 2.26 8.81
N ARG A 50 -6.83 1.75 9.46
CA ARG A 50 -8.05 1.39 8.75
C ARG A 50 -8.88 2.64 8.47
N ALA A 51 -9.50 2.67 7.29
CA ALA A 51 -10.43 3.76 6.90
C ALA A 51 -11.80 3.36 7.39
N THR A 52 -12.24 3.94 8.51
CA THR A 52 -13.53 3.55 9.08
C THR A 52 -14.32 4.76 9.54
N ASP A 53 -15.57 4.53 9.91
CA ASP A 53 -16.40 5.61 10.40
C ASP A 53 -15.93 6.26 11.72
N LYS A 54 -14.96 5.66 12.36
CA LYS A 54 -14.31 6.31 13.56
C LYS A 54 -13.56 7.55 13.16
N ASP A 55 -13.28 7.70 11.86
CA ASP A 55 -12.56 8.84 11.41
C ASP A 55 -13.36 10.14 11.40
N ILE A 56 -14.68 9.99 11.51
CA ILE A 56 -15.58 11.12 11.61
C ILE A 56 -16.10 11.17 13.03
N THR A 57 -16.00 12.32 13.66
CA THR A 57 -16.50 12.50 15.00
C THR A 57 -17.95 12.90 14.86
N GLY A 58 -18.71 12.35 15.77
CA GLY A 58 -20.13 12.59 15.80
C GLY A 58 -20.95 11.89 14.73
N THR A 59 -22.09 12.50 14.47
CA THR A 59 -23.09 11.89 13.62
C THR A 59 -22.71 11.98 12.12
N LEU A 60 -22.88 10.85 11.48
CA LEU A 60 -22.66 10.75 10.05
C LEU A 60 -23.76 11.37 9.25
N SER A 61 -23.35 11.87 8.09
CA SER A 61 -24.29 12.37 7.11
C SER A 61 -25.30 11.30 6.67
N ASN A 62 -24.79 10.09 6.37
CA ASN A 62 -25.69 8.93 6.10
C ASN A 62 -25.27 7.74 6.99
N PRO A 63 -25.97 7.54 8.10
CA PRO A 63 -25.63 6.48 9.07
C PRO A 63 -26.05 5.05 8.65
N GLU A 64 -26.84 4.94 7.58
CA GLU A 64 -27.33 3.68 7.03
C GLU A 64 -26.48 3.04 5.95
N VAL A 65 -25.82 3.86 5.12
CA VAL A 65 -24.93 3.36 4.05
C VAL A 65 -23.70 4.20 4.19
N PHE A 66 -22.58 3.57 4.57
CA PHE A 66 -21.36 4.28 4.84
C PHE A 66 -20.50 4.45 3.63
N ASN A 67 -20.18 5.70 3.32
CA ASN A 67 -19.37 6.04 2.15
C ASN A 67 -18.17 6.85 2.69
N TYR A 68 -17.03 6.18 2.83
CA TYR A 68 -15.83 6.82 3.49
C TYR A 68 -15.45 8.08 2.78
N GLY A 69 -15.38 8.04 1.45
CA GLY A 69 -15.00 9.26 0.71
C GLY A 69 -15.91 10.43 0.95
N VAL A 70 -17.22 10.19 0.88
CA VAL A 70 -18.17 11.30 1.09
C VAL A 70 -18.09 11.81 2.52
N GLU A 71 -18.06 10.89 3.47
CA GLU A 71 -18.16 11.27 4.86
C GLU A 71 -16.89 12.05 5.30
N THR A 72 -15.73 11.60 4.86
CA THR A 72 -14.49 12.28 5.25
C THR A 72 -14.31 13.66 4.58
N HIS A 73 -14.74 13.79 3.33
CA HIS A 73 -14.70 15.06 2.67
C HIS A 73 -15.62 16.04 3.43
N GLU A 74 -16.82 15.61 3.76
N GLU A 74 -16.85 15.61 3.75
CA GLU A 74 -17.73 16.47 4.49
CA GLU A 74 -17.81 16.45 4.51
C GLU A 74 -17.24 16.77 5.89
C GLU A 74 -17.24 16.77 5.89
N ALA A 75 -16.66 15.78 6.57
CA ALA A 75 -16.10 16.00 7.89
C ALA A 75 -14.97 16.99 7.83
N TYR A 76 -14.10 16.92 6.80
CA TYR A 76 -13.04 17.90 6.68
C TYR A 76 -13.62 19.32 6.63
N LYS A 77 -14.63 19.51 5.80
CA LYS A 77 -15.26 20.80 5.62
C LYS A 77 -15.93 21.31 6.91
N GLN A 78 -16.48 20.39 7.67
CA GLN A 78 -17.23 20.70 8.92
C GLN A 78 -16.35 20.69 10.15
N ARG A 79 -15.05 20.44 9.96
CA ARG A 79 -14.11 20.32 11.08
C ARG A 79 -14.54 19.24 12.08
N SER A 80 -14.92 18.08 11.55
CA SER A 80 -15.41 16.94 12.33
C SER A 80 -14.60 15.66 12.11
N LEU A 81 -13.39 15.78 11.61
CA LEU A 81 -12.52 14.60 11.55
C LEU A 81 -11.90 14.26 12.91
N ALA A 82 -11.58 13.00 13.10
CA ALA A 82 -10.90 12.56 14.28
C ALA A 82 -9.61 13.34 14.51
N SER A 83 -9.26 13.52 15.79
CA SER A 83 -8.13 14.36 16.16
C SER A 83 -6.79 13.78 15.73
N ASP A 84 -6.65 12.46 15.63
CA ASP A 84 -5.37 11.92 15.12
C ASP A 84 -5.11 12.40 13.70
N ILE A 85 -6.16 12.38 12.88
CA ILE A 85 -6.06 12.87 11.51
C ILE A 85 -5.75 14.37 11.46
N THR A 86 -6.53 15.15 12.19
CA THR A 86 -6.29 16.61 12.15
C THR A 86 -4.91 16.99 12.70
N ASP A 87 -4.43 16.27 13.68
CA ASP A 87 -3.10 16.55 14.20
C ASP A 87 -2.05 16.35 13.09
N GLU A 88 -2.18 15.27 12.34
CA GLU A 88 -1.29 15.03 11.23
C GLU A 88 -1.40 16.09 10.17
N GLN A 89 -2.64 16.48 9.87
CA GLN A 89 -2.85 17.49 8.83
C GLN A 89 -2.18 18.84 9.20
N LYS A 90 -2.19 19.20 10.47
CA LYS A 90 -1.54 20.44 10.88
C LYS A 90 -0.03 20.33 10.59
N LYS A 91 0.54 19.18 10.93
CA LYS A 91 2.01 19.01 10.68
C LYS A 91 2.34 19.11 9.16
N VAL A 92 1.51 18.48 8.33
CA VAL A 92 1.71 18.53 6.88
C VAL A 92 1.52 19.98 6.33
N ARG A 93 0.46 20.62 6.81
N ARG A 93 0.46 20.63 6.81
CA ARG A 93 0.13 21.97 6.30
CA ARG A 93 0.14 21.95 6.27
C ARG A 93 1.30 22.92 6.52
C ARG A 93 1.27 22.93 6.54
N GLU A 94 1.92 22.78 7.67
CA GLU A 94 3.00 23.68 8.03
C GLU A 94 4.36 23.32 7.44
N ALA A 95 4.52 22.09 6.96
CA ALA A 95 5.83 21.60 6.50
C ALA A 95 6.19 22.16 5.14
N ASP A 96 7.47 22.47 4.97
CA ASP A 96 8.07 22.75 3.66
C ASP A 96 8.58 21.48 2.98
N LEU A 97 8.94 20.48 3.79
CA LEU A 97 9.46 19.20 3.30
C LEU A 97 8.88 18.11 4.15
N VAL A 98 8.36 17.05 3.50
CA VAL A 98 7.89 15.87 4.17
C VAL A 98 8.79 14.71 3.73
N ILE A 99 9.50 14.10 4.70
CA ILE A 99 10.33 12.94 4.46
C ILE A 99 9.56 11.71 4.97
N PHE A 100 9.46 10.68 4.15
CA PHE A 100 8.90 9.39 4.55
C PHE A 100 10.07 8.44 4.78
N GLN A 101 10.22 7.93 5.99
CA GLN A 101 11.30 7.00 6.33
C GLN A 101 10.73 5.64 6.63
N PHE A 102 11.02 4.67 5.79
CA PHE A 102 10.40 3.36 5.95
C PHE A 102 11.21 2.26 5.26
N PRO A 103 11.02 1.03 5.80
CA PRO A 103 11.47 -0.14 5.09
C PRO A 103 10.47 -0.49 3.99
N LEU A 104 10.97 -0.94 2.85
CA LEU A 104 10.09 -1.37 1.77
C LEU A 104 9.36 -2.62 2.22
N TYR A 105 8.05 -2.64 2.08
CA TYR A 105 7.22 -3.81 2.39
C TYR A 105 6.39 -4.10 1.13
N TRP A 106 6.62 -5.25 0.51
CA TRP A 106 5.86 -5.61 -0.71
C TRP A 106 5.88 -4.49 -1.72
N PHE A 107 7.10 -3.97 -1.96
CA PHE A 107 7.32 -3.01 -3.04
C PHE A 107 6.47 -1.76 -2.84
N SER A 108 6.24 -1.43 -1.57
CA SER A 108 5.41 -0.28 -1.20
C SER A 108 5.73 0.08 0.24
N VAL A 109 4.88 0.88 0.84
CA VAL A 109 4.99 1.29 2.23
C VAL A 109 4.38 0.23 3.15
N PRO A 110 4.91 0.12 4.37
CA PRO A 110 4.22 -0.68 5.38
C PRO A 110 2.78 -0.24 5.52
N ALA A 111 1.90 -1.16 5.89
CA ALA A 111 0.47 -0.82 5.99
C ALA A 111 0.19 0.33 6.93
N ILE A 112 0.93 0.47 8.03
CA ILE A 112 0.63 1.59 8.95
C ILE A 112 0.84 2.91 8.22
N LEU A 113 1.86 2.99 7.38
CA LEU A 113 2.12 4.19 6.60
C LEU A 113 1.10 4.35 5.46
N LYS A 114 0.69 3.25 4.84
CA LYS A 114 -0.36 3.33 3.88
C LYS A 114 -1.61 3.94 4.53
N GLY A 115 -1.90 3.54 5.75
CA GLY A 115 -3.07 4.06 6.45
C GLY A 115 -2.92 5.55 6.76
N TRP A 116 -1.72 6.03 7.09
CA TRP A 116 -1.50 7.47 7.19
C TRP A 116 -1.88 8.15 5.89
N MET A 117 -1.40 7.63 4.76
CA MET A 117 -1.75 8.25 3.50
CA MET A 117 -1.74 8.23 3.46
C MET A 117 -3.26 8.25 3.24
N ASP A 118 -3.88 7.09 3.45
CA ASP A 118 -5.32 6.93 3.19
C ASP A 118 -6.17 7.88 4.01
N ARG A 119 -5.79 8.09 5.26
CA ARG A 119 -6.63 8.81 6.21
C ARG A 119 -6.30 10.30 6.31
N VAL A 120 -5.01 10.63 6.22
CA VAL A 120 -4.59 12.02 6.40
C VAL A 120 -4.78 12.84 5.14
N LEU A 121 -4.48 12.27 3.98
CA LEU A 121 -4.48 13.02 2.72
C LEU A 121 -5.89 13.05 2.10
N CYS A 122 -6.85 13.59 2.84
CA CYS A 122 -8.23 13.52 2.42
C CYS A 122 -8.61 14.60 1.41
N GLN A 123 -9.72 14.37 0.74
CA GLN A 123 -10.25 15.37 -0.20
C GLN A 123 -10.62 16.64 0.61
N GLY A 124 -10.25 17.77 0.07
CA GLY A 124 -10.44 19.07 0.71
C GLY A 124 -9.16 19.53 1.44
N PHE A 125 -8.37 18.59 1.92
CA PHE A 125 -7.12 18.91 2.59
C PHE A 125 -5.93 18.85 1.63
N ALA A 126 -5.73 17.69 1.01
CA ALA A 126 -4.54 17.44 0.21
C ALA A 126 -4.77 17.71 -1.28
N PHE A 127 -6.01 17.59 -1.72
CA PHE A 127 -6.37 17.76 -3.12
C PHE A 127 -7.86 18.06 -3.16
N ASP A 128 -8.31 18.54 -4.32
CA ASP A 128 -9.72 18.63 -4.62
C ASP A 128 -9.89 18.25 -6.09
N ILE A 129 -11.13 18.13 -6.54
CA ILE A 129 -11.43 17.88 -7.95
C ILE A 129 -12.29 19.07 -8.42
N PRO A 130 -11.77 20.04 -9.17
CA PRO A 130 -10.36 20.15 -9.57
C PRO A 130 -9.46 20.54 -8.41
N GLY A 131 -8.15 20.38 -8.63
CA GLY A 131 -7.15 20.68 -7.62
C GLY A 131 -6.26 19.49 -7.30
N PHE A 132 -5.65 18.89 -8.32
CA PHE A 132 -4.78 17.74 -8.12
C PHE A 132 -3.63 17.80 -9.10
N TYR A 133 -2.67 16.89 -8.95
CA TYR A 133 -1.36 16.99 -9.63
C TYR A 133 -0.76 18.34 -9.37
N ASP A 134 -0.36 19.06 -10.39
CA ASP A 134 0.32 20.33 -10.10
C ASP A 134 -0.57 21.33 -9.41
N SER A 135 -1.89 21.18 -9.56
N SER A 135 -1.88 21.18 -9.55
CA SER A 135 -2.87 22.03 -8.87
CA SER A 135 -2.86 22.02 -8.86
C SER A 135 -3.32 21.48 -7.51
C SER A 135 -3.30 21.50 -7.51
N GLY A 136 -2.60 20.47 -7.00
CA GLY A 136 -2.91 19.94 -5.71
C GLY A 136 -2.74 20.91 -4.58
N LEU A 137 -3.42 20.63 -3.46
CA LEU A 137 -3.50 21.63 -2.37
C LEU A 137 -2.26 21.69 -1.51
N LEU A 138 -1.34 20.74 -1.66
CA LEU A 138 -0.03 20.77 -0.98
C LEU A 138 1.03 21.29 -1.92
N GLN A 139 0.62 21.95 -3.00
CA GLN A 139 1.56 22.61 -3.90
C GLN A 139 2.47 23.59 -3.14
N GLY A 140 3.69 23.68 -3.63
CA GLY A 140 4.70 24.51 -3.05
C GLY A 140 5.49 23.85 -1.97
N LYS A 141 5.22 22.58 -1.71
CA LYS A 141 5.95 21.73 -0.77
C LYS A 141 6.79 20.68 -1.49
N LEU A 142 7.78 20.14 -0.77
CA LEU A 142 8.61 19.06 -1.22
C LEU A 142 8.31 17.80 -0.43
N ALA A 143 8.51 16.66 -1.10
CA ALA A 143 8.44 15.36 -0.44
C ALA A 143 9.58 14.49 -0.96
N LEU A 144 10.03 13.60 -0.06
N LEU A 144 9.90 13.48 -0.14
CA LEU A 144 11.15 12.69 -0.31
CA LEU A 144 11.03 12.62 -0.43
C LEU A 144 10.80 11.32 0.30
C LEU A 144 10.89 11.32 0.31
N LEU A 145 11.03 10.24 -0.45
CA LEU A 145 10.99 8.88 0.10
C LEU A 145 12.40 8.44 0.48
N SER A 146 12.58 8.09 1.74
CA SER A 146 13.81 7.51 2.23
C SER A 146 13.48 6.07 2.60
N VAL A 147 13.87 5.18 1.70
CA VAL A 147 13.43 3.77 1.75
CA VAL A 147 13.43 3.77 1.69
C VAL A 147 14.61 2.83 1.96
N THR A 148 14.45 1.79 2.78
CA THR A 148 15.48 0.78 2.96
C THR A 148 14.94 -0.52 2.36
N THR A 149 15.84 -1.38 1.86
CA THR A 149 15.42 -2.59 1.24
C THR A 149 16.07 -3.83 1.73
N GLY A 150 15.43 -4.96 1.53
CA GLY A 150 16.10 -6.28 1.62
C GLY A 150 17.03 -6.51 0.42
N GLY A 151 16.53 -6.21 -0.76
CA GLY A 151 17.24 -6.54 -1.96
C GLY A 151 18.38 -5.60 -2.21
N THR A 152 19.38 -6.09 -2.94
CA THR A 152 20.58 -5.31 -3.31
C THR A 152 20.30 -4.36 -4.48
N ALA A 153 21.21 -3.42 -4.69
CA ALA A 153 21.09 -2.50 -5.83
C ALA A 153 20.98 -3.28 -7.14
N GLU A 154 21.77 -4.35 -7.30
CA GLU A 154 21.71 -5.14 -8.53
C GLU A 154 20.34 -5.73 -8.80
N MET A 155 19.64 -6.09 -7.74
CA MET A 155 18.32 -6.70 -7.87
C MET A 155 17.30 -5.68 -8.30
N TYR A 156 17.60 -4.39 -8.17
CA TYR A 156 16.73 -3.28 -8.46
C TYR A 156 17.10 -2.51 -9.70
N THR A 157 17.85 -3.13 -10.58
CA THR A 157 18.07 -2.61 -11.92
C THR A 157 17.03 -3.19 -12.86
N LYS A 158 16.91 -2.62 -14.05
CA LYS A 158 15.98 -3.17 -15.03
C LYS A 158 16.13 -4.69 -15.26
N THR A 159 17.36 -5.16 -15.28
CA THR A 159 17.64 -6.57 -15.54
C THR A 159 17.79 -7.42 -14.29
N GLY A 160 17.68 -6.77 -13.14
CA GLY A 160 17.76 -7.44 -11.85
C GLY A 160 16.45 -8.17 -11.56
N VAL A 161 16.48 -9.05 -10.57
CA VAL A 161 15.34 -9.92 -10.32
C VAL A 161 14.05 -9.17 -9.97
N ASN A 162 14.16 -8.05 -9.28
CA ASN A 162 13.00 -7.26 -8.88
C ASN A 162 12.62 -6.13 -9.83
N GLY A 163 13.40 -5.95 -10.89
CA GLY A 163 13.16 -4.86 -11.83
C GLY A 163 13.61 -3.51 -11.30
N ASP A 164 13.45 -2.50 -12.15
CA ASP A 164 13.95 -1.16 -11.78
C ASP A 164 13.18 -0.69 -10.53
N SER A 165 13.95 -0.14 -9.58
CA SER A 165 13.30 0.45 -8.42
C SER A 165 12.28 1.54 -8.76
N ARG A 166 12.55 2.27 -9.84
CA ARG A 166 11.60 3.34 -10.19
C ARG A 166 10.19 2.81 -10.48
N TYR A 167 10.10 1.56 -10.93
CA TYR A 167 8.82 1.04 -11.31
C TYR A 167 7.82 1.06 -10.20
N PHE A 168 8.23 0.58 -9.03
CA PHE A 168 7.28 0.53 -7.96
C PHE A 168 7.17 1.82 -7.17
N LEU A 169 7.98 2.82 -7.48
CA LEU A 169 7.85 4.12 -6.87
C LEU A 169 6.65 4.92 -7.40
N TRP A 170 6.14 4.50 -8.56
CA TRP A 170 5.04 5.25 -9.23
C TRP A 170 3.80 5.54 -8.36
N PRO A 171 3.21 4.49 -7.71
CA PRO A 171 2.03 4.80 -6.91
C PRO A 171 2.28 5.81 -5.81
N LEU A 172 3.49 5.79 -5.25
CA LEU A 172 3.87 6.65 -4.15
C LEU A 172 4.22 8.03 -4.62
N GLN A 173 5.22 8.13 -5.49
CA GLN A 173 5.68 9.44 -5.96
C GLN A 173 4.64 10.15 -6.80
N HIS A 174 4.10 9.45 -7.78
CA HIS A 174 3.15 10.05 -8.70
C HIS A 174 1.73 10.00 -8.22
N GLY A 175 1.27 8.80 -7.91
CA GLY A 175 -0.11 8.60 -7.56
C GLY A 175 -0.51 9.24 -6.26
N THR A 176 0.45 9.43 -5.35
CA THR A 176 0.12 10.04 -4.06
C THR A 176 0.73 11.42 -3.92
N LEU A 177 2.06 11.50 -3.92
CA LEU A 177 2.72 12.78 -3.61
C LEU A 177 2.46 13.84 -4.69
N HIS A 178 2.77 13.54 -5.94
CA HIS A 178 2.50 14.48 -7.03
C HIS A 178 1.01 14.77 -7.10
N PHE A 179 0.17 13.78 -6.93
CA PHE A 179 -1.28 14.02 -6.99
C PHE A 179 -1.71 15.11 -6.01
N CYS A 180 -1.10 15.18 -4.84
CA CYS A 180 -1.44 16.17 -3.85
C CYS A 180 -0.72 17.54 -4.05
N GLY A 181 0.12 17.62 -5.12
CA GLY A 181 0.82 18.86 -5.41
C GLY A 181 2.23 18.95 -4.96
N PHE A 182 2.75 17.92 -4.29
CA PHE A 182 4.15 17.97 -3.91
C PHE A 182 5.04 17.98 -5.15
N LYS A 183 6.20 18.62 -5.03
CA LYS A 183 7.34 18.36 -5.84
C LYS A 183 8.12 17.24 -5.13
N VAL A 184 8.67 16.31 -5.90
CA VAL A 184 9.28 15.10 -5.36
C VAL A 184 10.81 15.20 -5.58
N LEU A 185 11.56 15.10 -4.48
CA LEU A 185 13.01 15.00 -4.57
C LEU A 185 13.40 13.56 -4.88
N ALA A 186 14.59 13.37 -5.47
CA ALA A 186 14.99 12.00 -5.83
C ALA A 186 14.96 11.12 -4.57
N PRO A 187 14.54 9.87 -4.71
CA PRO A 187 14.43 9.01 -3.54
C PRO A 187 15.78 8.72 -2.94
N GLN A 188 15.84 8.55 -1.64
CA GLN A 188 17.02 8.01 -0.96
C GLN A 188 16.78 6.54 -0.75
N ILE A 189 17.49 5.69 -1.47
CA ILE A 189 17.29 4.24 -1.35
C ILE A 189 18.55 3.68 -0.73
N SER A 190 18.40 3.10 0.46
CA SER A 190 19.50 2.49 1.21
C SER A 190 19.35 0.99 1.02
N PHE A 191 20.18 0.41 0.18
CA PHE A 191 20.04 -0.98 -0.20
C PHE A 191 20.65 -1.97 0.77
N ALA A 192 19.87 -2.97 1.15
CA ALA A 192 20.35 -4.17 1.79
C ALA A 192 21.24 -3.91 3.03
N PRO A 193 20.77 -3.09 3.99
CA PRO A 193 21.60 -2.88 5.20
C PRO A 193 21.83 -4.16 5.98
N GLU A 194 20.90 -5.09 5.95
CA GLU A 194 21.04 -6.25 6.80
C GLU A 194 22.23 -7.14 6.45
N ILE A 195 22.67 -7.16 5.20
CA ILE A 195 23.82 -7.94 4.81
C ILE A 195 25.11 -7.11 4.74
N ALA A 196 25.00 -5.81 4.94
CA ALA A 196 26.15 -4.93 4.92
C ALA A 196 26.94 -5.07 6.20
N SER A 197 28.23 -4.74 6.13
CA SER A 197 29.03 -4.63 7.35
C SER A 197 28.58 -3.44 8.19
N GLU A 198 28.99 -3.45 9.46
CA GLU A 198 28.73 -2.33 10.32
C GLU A 198 29.23 -1.02 9.75
N GLU A 199 30.47 -1.03 9.23
CA GLU A 199 31.02 0.18 8.67
C GLU A 199 30.33 0.58 7.37
N GLU A 200 29.84 -0.37 6.58
CA GLU A 200 29.04 -0.01 5.41
C GLU A 200 27.74 0.67 5.82
N ARG A 201 27.09 0.13 6.84
CA ARG A 201 25.90 0.75 7.39
C ARG A 201 26.16 2.16 7.90
N LYS A 202 27.23 2.34 8.65
CA LYS A 202 27.62 3.66 9.08
C LYS A 202 27.81 4.60 7.89
N GLY A 203 28.39 4.09 6.82
CA GLY A 203 28.58 4.89 5.59
C GLY A 203 27.27 5.30 4.95
N MET A 204 26.27 4.43 4.96
CA MET A 204 24.94 4.75 4.41
C MET A 204 24.25 5.81 5.27
N VAL A 205 24.41 5.74 6.60
CA VAL A 205 23.86 6.77 7.47
C VAL A 205 24.57 8.10 7.20
N ALA A 206 25.90 8.08 7.12
CA ALA A 206 26.64 9.30 6.80
C ALA A 206 26.29 9.92 5.45
N ALA A 207 25.98 9.06 4.48
CA ALA A 207 25.63 9.53 3.14
C ALA A 207 24.29 10.28 3.20
N TRP A 208 23.35 9.77 3.98
CA TRP A 208 22.06 10.43 4.16
C TRP A 208 22.20 11.78 4.86
N SER A 209 23.00 11.78 5.92
CA SER A 209 23.27 13.03 6.63
C SER A 209 23.92 14.06 5.68
N GLN A 210 24.86 13.63 4.86
N GLN A 210 24.89 13.64 4.87
CA GLN A 210 25.52 14.51 3.92
CA GLN A 210 25.53 14.57 3.94
C GLN A 210 24.56 15.07 2.93
C GLN A 210 24.55 15.09 2.92
N ARG A 211 23.67 14.22 2.41
CA ARG A 211 22.70 14.68 1.47
C ARG A 211 21.79 15.77 2.07
N LEU A 212 21.38 15.53 3.31
CA LEU A 212 20.53 16.49 3.99
C LEU A 212 21.16 17.86 4.16
N GLN A 213 22.50 17.92 4.25
CA GLN A 213 23.19 19.21 4.32
C GLN A 213 22.80 20.15 3.23
N THR A 214 22.57 19.62 2.04
CA THR A 214 22.28 20.40 0.85
C THR A 214 20.93 20.15 0.26
N ILE A 215 20.02 19.63 1.09
CA ILE A 215 18.71 19.26 0.58
C ILE A 215 17.93 20.38 0.00
N TRP A 216 18.12 21.60 0.56
CA TRP A 216 17.38 22.74 0.14
C TRP A 216 17.85 23.33 -1.21
N LYS A 217 18.98 22.83 -1.69
CA LYS A 217 19.58 23.28 -2.96
C LYS A 217 19.15 22.33 -4.10
N GLU A 218 18.48 21.21 -3.78
CA GLU A 218 18.16 20.23 -4.81
C GLU A 218 16.98 20.65 -5.66
N GLU A 219 17.03 20.22 -6.88
CA GLU A 219 15.91 20.26 -7.79
C GLU A 219 15.06 19.03 -7.70
N PRO A 220 13.74 19.17 -7.82
CA PRO A 220 12.89 17.97 -7.86
C PRO A 220 13.09 17.15 -9.13
N ILE A 221 12.66 15.90 -9.09
CA ILE A 221 12.58 15.08 -10.29
C ILE A 221 11.41 15.51 -11.16
N PRO A 222 11.42 15.15 -12.44
CA PRO A 222 10.24 15.30 -13.28
C PRO A 222 9.36 14.09 -13.00
N CYS A 223 8.29 14.27 -12.29
CA CYS A 223 7.52 13.13 -11.79
C CYS A 223 6.52 12.73 -12.88
N THR A 224 7.08 12.07 -13.89
CA THR A 224 6.36 11.67 -15.08
C THR A 224 6.39 10.16 -15.26
N ALA A 225 5.49 9.66 -16.09
CA ALA A 225 5.58 8.27 -16.49
C ALA A 225 6.91 7.97 -17.17
N HIS A 226 7.40 8.91 -17.97
CA HIS A 226 8.70 8.71 -18.59
C HIS A 226 9.85 8.51 -17.57
N TRP A 227 9.87 9.31 -16.51
CA TRP A 227 10.91 9.17 -15.53
C TRP A 227 10.85 7.78 -14.88
N HIS A 228 9.62 7.32 -14.59
CA HIS A 228 9.49 6.06 -13.89
C HIS A 228 9.73 4.84 -14.80
N PHE A 229 9.28 4.88 -16.04
CA PHE A 229 9.21 3.70 -16.88
C PHE A 229 9.99 3.76 -18.18
N GLY A 230 10.50 4.93 -18.56
CA GLY A 230 11.14 5.09 -19.87
C GLY A 230 12.44 4.35 -19.92
N GLY B 3 -12.32 -30.85 -7.76
CA GLY B 3 -13.05 -29.63 -7.29
C GLY B 3 -12.12 -28.40 -7.32
N LYS B 4 -12.65 -27.23 -7.00
CA LYS B 4 -11.85 -26.01 -6.94
C LYS B 4 -12.31 -25.15 -5.73
N LYS B 5 -11.33 -24.61 -5.04
CA LYS B 5 -11.47 -23.79 -3.87
C LYS B 5 -11.08 -22.32 -4.16
N VAL B 6 -11.93 -21.38 -3.74
CA VAL B 6 -11.72 -19.99 -3.98
C VAL B 6 -11.77 -19.23 -2.65
N LEU B 7 -10.78 -18.35 -2.48
CA LEU B 7 -10.80 -17.37 -1.37
C LEU B 7 -10.98 -16.01 -2.01
N ILE B 8 -11.96 -15.26 -1.48
CA ILE B 8 -12.14 -13.85 -1.86
C ILE B 8 -11.69 -13.01 -0.63
N VAL B 9 -10.67 -12.18 -0.86
CA VAL B 9 -10.20 -11.25 0.17
C VAL B 9 -10.82 -9.93 -0.18
N TYR B 10 -11.76 -9.48 0.67
CA TYR B 10 -12.65 -8.36 0.35
C TYR B 10 -12.41 -7.20 1.31
N ALA B 11 -12.20 -6.02 0.72
CA ALA B 11 -11.84 -4.81 1.51
C ALA B 11 -12.73 -3.62 1.21
N HIS B 12 -13.94 -3.65 1.78
CA HIS B 12 -14.79 -2.48 1.68
C HIS B 12 -15.66 -2.43 2.93
N GLN B 13 -15.90 -1.20 3.41
CA GLN B 13 -16.64 -1.00 4.67
C GLN B 13 -18.14 -1.26 4.56
N GLU B 14 -18.68 -1.15 3.38
CA GLU B 14 -20.15 -1.08 3.20
C GLU B 14 -20.72 -2.22 2.37
N PRO B 15 -21.61 -3.04 2.97
CA PRO B 15 -22.13 -4.17 2.22
C PRO B 15 -22.94 -3.81 0.97
N LYS B 16 -23.56 -2.63 0.98
N LYS B 16 -23.51 -2.61 0.96
CA LYS B 16 -24.37 -2.15 -0.15
CA LYS B 16 -24.35 -2.17 -0.17
C LYS B 16 -23.55 -1.46 -1.23
C LYS B 16 -23.55 -1.48 -1.24
N SER B 17 -22.24 -1.42 -1.06
CA SER B 17 -21.39 -0.77 -2.02
C SER B 17 -21.31 -1.53 -3.36
N PHE B 18 -20.77 -0.87 -4.34
CA PHE B 18 -20.46 -1.52 -5.61
C PHE B 18 -19.48 -2.68 -5.40
N ASN B 19 -18.46 -2.44 -4.57
CA ASN B 19 -17.56 -3.55 -4.21
C ASN B 19 -18.28 -4.72 -3.57
N GLY B 20 -19.21 -4.41 -2.66
CA GLY B 20 -19.96 -5.47 -2.02
C GLY B 20 -20.79 -6.26 -3.05
N SER B 21 -21.36 -5.57 -4.04
CA SER B 21 -22.10 -6.26 -5.08
C SER B 21 -21.22 -7.15 -5.93
N LEU B 22 -20.02 -6.69 -6.27
CA LEU B 22 -19.08 -7.52 -7.01
C LEU B 22 -18.67 -8.76 -6.21
N LYS B 23 -18.44 -8.59 -4.92
CA LYS B 23 -18.14 -9.73 -4.06
C LYS B 23 -19.30 -10.71 -4.03
N ASN B 24 -20.50 -10.21 -3.88
CA ASN B 24 -21.70 -11.08 -3.77
C ASN B 24 -21.94 -11.85 -5.07
N VAL B 25 -21.77 -11.20 -6.21
N VAL B 25 -21.76 -11.20 -6.21
CA VAL B 25 -22.04 -11.92 -7.46
CA VAL B 25 -22.00 -11.87 -7.50
C VAL B 25 -20.96 -12.98 -7.69
C VAL B 25 -20.94 -12.96 -7.74
N ALA B 26 -19.73 -12.75 -7.22
CA ALA B 26 -18.67 -13.76 -7.28
C ALA B 26 -18.99 -14.95 -6.40
N VAL B 27 -19.43 -14.68 -5.19
CA VAL B 27 -19.89 -15.79 -4.30
C VAL B 27 -21.00 -16.57 -5.00
N ASP B 28 -21.98 -15.86 -5.52
CA ASP B 28 -23.17 -16.54 -6.09
C ASP B 28 -22.75 -17.38 -7.30
N GLU B 29 -21.91 -16.85 -8.21
CA GLU B 29 -21.55 -17.60 -9.43
C GLU B 29 -20.63 -18.76 -9.14
N LEU B 30 -19.62 -18.53 -8.33
CA LEU B 30 -18.70 -19.60 -7.98
C LEU B 30 -19.39 -20.70 -7.20
N SER B 31 -20.28 -20.31 -6.29
CA SER B 31 -21.02 -21.32 -5.49
C SER B 31 -21.92 -22.14 -6.43
N ARG B 32 -22.57 -21.47 -7.40
CA ARG B 32 -23.46 -22.19 -8.38
C ARG B 32 -22.67 -23.25 -9.13
N GLN B 33 -21.44 -22.93 -9.48
CA GLN B 33 -20.57 -23.89 -10.19
C GLN B 33 -20.17 -25.09 -9.35
N GLY B 34 -20.36 -25.00 -8.04
CA GLY B 34 -19.98 -26.07 -7.10
C GLY B 34 -18.60 -25.86 -6.51
N CYS B 35 -18.03 -24.66 -6.66
CA CYS B 35 -16.76 -24.38 -6.00
C CYS B 35 -16.94 -24.21 -4.50
N THR B 36 -15.86 -24.49 -3.78
CA THR B 36 -15.79 -24.18 -2.37
C THR B 36 -15.40 -22.72 -2.26
N VAL B 37 -16.17 -21.91 -1.55
CA VAL B 37 -15.92 -20.47 -1.50
C VAL B 37 -15.83 -19.97 -0.06
N THR B 38 -14.81 -19.14 0.19
CA THR B 38 -14.62 -18.52 1.47
C THR B 38 -14.37 -17.01 1.21
N VAL B 39 -14.93 -16.15 2.06
CA VAL B 39 -14.74 -14.71 1.95
C VAL B 39 -14.07 -14.25 3.25
N SER B 40 -12.95 -13.54 3.11
CA SER B 40 -12.35 -12.82 4.26
C SER B 40 -12.77 -11.34 4.13
N ASP B 41 -13.76 -10.96 4.94
CA ASP B 41 -14.32 -9.57 4.91
C ASP B 41 -13.49 -8.77 5.93
N LEU B 42 -12.43 -8.15 5.44
CA LEU B 42 -11.41 -7.61 6.34
C LEU B 42 -11.95 -6.56 7.31
N TYR B 43 -12.80 -5.64 6.83
CA TYR B 43 -13.34 -4.65 7.76
C TYR B 43 -14.24 -5.28 8.80
N ALA B 44 -15.07 -6.24 8.40
CA ALA B 44 -15.94 -6.93 9.36
C ALA B 44 -15.18 -7.73 10.39
N MET B 45 -14.03 -8.23 9.99
CA MET B 45 -13.10 -8.96 10.88
C MET B 45 -12.26 -7.99 11.73
N ASN B 46 -12.35 -6.69 11.44
CA ASN B 46 -11.50 -5.70 12.07
C ASN B 46 -10.02 -6.11 11.98
N LEU B 47 -9.61 -6.59 10.81
CA LEU B 47 -8.27 -7.13 10.67
C LEU B 47 -7.22 -6.09 11.09
N GLU B 48 -6.30 -6.56 11.91
CA GLU B 48 -5.13 -5.76 12.33
C GLU B 48 -4.24 -5.54 11.09
N PRO B 49 -3.95 -4.29 10.71
CA PRO B 49 -3.05 -4.07 9.60
C PRO B 49 -1.60 -3.88 9.99
N ARG B 50 -1.32 -3.54 11.23
CA ARG B 50 0.02 -3.17 11.66
C ARG B 50 0.88 -4.41 11.81
N ALA B 51 2.13 -4.31 11.40
CA ALA B 51 3.11 -5.39 11.60
C ALA B 51 3.78 -5.15 12.96
N THR B 52 3.35 -5.88 13.99
CA THR B 52 3.87 -5.66 15.33
C THR B 52 4.23 -6.95 16.01
N ASP B 53 4.84 -6.83 17.17
CA ASP B 53 5.20 -8.00 17.97
C ASP B 53 4.01 -8.80 18.47
N LYS B 54 2.80 -8.25 18.39
CA LYS B 54 1.60 -9.02 18.71
C LYS B 54 1.37 -10.15 17.71
N ASP B 55 2.04 -10.09 16.57
CA ASP B 55 1.90 -11.12 15.56
C ASP B 55 2.58 -12.45 15.91
N ILE B 56 3.46 -12.41 16.92
CA ILE B 56 4.14 -13.56 17.43
C ILE B 56 3.58 -13.87 18.80
N THR B 57 3.09 -15.09 18.98
CA THR B 57 2.53 -15.49 20.24
C THR B 57 3.60 -16.14 21.08
N GLY B 58 3.40 -16.15 22.39
CA GLY B 58 4.16 -17.02 23.28
C GLY B 58 5.50 -16.48 23.68
N THR B 59 5.68 -15.19 23.54
CA THR B 59 6.92 -14.57 24.00
C THR B 59 6.83 -14.26 25.49
N LEU B 60 7.72 -14.88 26.26
CA LEU B 60 7.73 -14.71 27.67
C LEU B 60 8.43 -13.42 28.05
N SER B 61 9.56 -13.17 27.39
CA SER B 61 10.32 -11.98 27.65
C SER B 61 10.64 -11.35 26.31
N ASN B 62 10.34 -10.06 26.14
CA ASN B 62 10.57 -9.38 24.86
C ASN B 62 12.06 -9.36 24.56
N PRO B 63 12.44 -9.57 23.29
CA PRO B 63 13.79 -9.36 22.95
C PRO B 63 14.13 -7.85 23.19
N GLU B 64 15.36 -7.61 23.50
CA GLU B 64 15.93 -6.27 23.55
C GLU B 64 15.64 -5.45 22.24
N VAL B 65 15.80 -6.12 21.11
CA VAL B 65 15.63 -5.49 19.81
C VAL B 65 14.59 -6.33 19.05
N PHE B 66 13.51 -5.68 18.63
CA PHE B 66 12.50 -6.36 17.84
C PHE B 66 12.75 -6.31 16.37
N ASN B 67 12.78 -7.46 15.74
CA ASN B 67 13.03 -7.58 14.30
C ASN B 67 11.83 -8.35 13.70
N TYR B 68 10.89 -7.62 13.08
CA TYR B 68 9.63 -8.24 12.58
C TYR B 68 9.91 -9.35 11.59
N GLY B 69 10.84 -9.12 10.66
CA GLY B 69 11.13 -10.13 9.66
C GLY B 69 11.71 -11.42 10.25
N VAL B 70 12.66 -11.31 11.14
CA VAL B 70 13.29 -12.50 11.75
C VAL B 70 12.26 -13.19 12.60
N GLU B 71 11.52 -12.43 13.41
CA GLU B 71 10.65 -13.06 14.38
C GLU B 71 9.48 -13.76 13.71
N THR B 72 8.91 -13.16 12.67
CA THR B 72 7.75 -13.79 11.98
C THR B 72 8.20 -15.02 11.19
N HIS B 73 9.37 -15.01 10.59
CA HIS B 73 9.87 -16.18 9.91
C HIS B 73 10.00 -17.34 10.89
N GLU B 74 10.62 -17.08 12.03
CA GLU B 74 10.76 -18.07 13.07
C GLU B 74 9.42 -18.53 13.62
N ALA B 75 8.54 -17.58 13.87
CA ALA B 75 7.20 -17.91 14.36
C ALA B 75 6.45 -18.76 13.37
N TYR B 76 6.55 -18.50 12.07
CA TYR B 76 5.89 -19.36 11.12
C TYR B 76 6.39 -20.81 11.22
N LYS B 77 7.70 -20.98 11.29
CA LYS B 77 8.28 -22.30 11.37
C LYS B 77 7.83 -23.04 12.69
N GLN B 78 7.63 -22.26 13.75
CA GLN B 78 7.24 -22.82 15.07
C GLN B 78 5.72 -22.90 15.26
N ARG B 79 5.00 -22.47 14.21
CA ARG B 79 3.52 -22.41 14.26
C ARG B 79 3.04 -21.54 15.45
N SER B 80 3.71 -20.39 15.65
N SER B 80 3.73 -20.41 15.67
CA SER B 80 3.46 -19.48 16.77
CA SER B 80 3.44 -19.50 16.77
C SER B 80 3.12 -18.06 16.31
C SER B 80 3.15 -18.10 16.30
N LEU B 81 2.53 -17.98 15.13
CA LEU B 81 1.93 -16.73 14.70
C LEU B 81 0.55 -16.54 15.32
N ALA B 82 0.15 -15.29 15.42
CA ALA B 82 -1.17 -14.96 15.89
C ALA B 82 -2.26 -15.71 15.12
N SER B 83 -3.36 -15.99 15.79
CA SER B 83 -4.42 -16.84 15.19
C SER B 83 -5.07 -16.17 13.97
N ASP B 84 -5.17 -14.84 13.94
CA ASP B 84 -5.75 -14.23 12.75
C ASP B 84 -4.91 -14.50 11.50
N ILE B 85 -3.59 -14.37 11.63
CA ILE B 85 -2.68 -14.70 10.54
C ILE B 85 -2.78 -16.19 10.16
N THR B 86 -2.65 -17.10 11.10
N THR B 86 -2.77 -17.03 11.19
CA THR B 86 -2.70 -18.50 10.69
CA THR B 86 -2.77 -18.46 11.05
C THR B 86 -4.06 -18.90 10.10
C THR B 86 -4.01 -18.91 10.25
N ASP B 87 -5.15 -18.32 10.58
CA ASP B 87 -6.43 -18.61 9.95
C ASP B 87 -6.43 -18.20 8.47
N GLU B 88 -5.88 -17.02 8.18
CA GLU B 88 -5.79 -16.58 6.79
C GLU B 88 -4.86 -17.49 6.00
N GLN B 89 -3.74 -17.88 6.59
CA GLN B 89 -2.81 -18.78 5.90
C GLN B 89 -3.47 -20.11 5.53
N LYS B 90 -4.31 -20.65 6.40
CA LYS B 90 -5.00 -21.92 6.09
C LYS B 90 -5.89 -21.71 4.85
N LYS B 91 -6.59 -20.58 4.79
CA LYS B 91 -7.46 -20.29 3.66
C LYS B 91 -6.68 -20.18 2.35
N VAL B 92 -5.55 -19.50 2.40
CA VAL B 92 -4.68 -19.38 1.24
C VAL B 92 -4.12 -20.74 0.81
N ARG B 93 -3.63 -21.49 1.80
CA ARG B 93 -3.01 -22.80 1.52
C ARG B 93 -3.95 -23.70 0.76
N GLU B 94 -5.20 -23.67 1.14
CA GLU B 94 -6.21 -24.52 0.52
C GLU B 94 -6.79 -24.00 -0.81
N ALA B 95 -6.66 -22.72 -1.07
CA ALA B 95 -7.28 -22.10 -2.25
C ALA B 95 -6.53 -22.46 -3.53
N ASP B 96 -7.32 -22.66 -4.57
CA ASP B 96 -6.81 -22.77 -5.94
C ASP B 96 -6.81 -21.41 -6.63
N LEU B 97 -7.69 -20.50 -6.21
CA LEU B 97 -7.82 -19.16 -6.77
C LEU B 97 -8.04 -18.20 -5.60
N VAL B 98 -7.29 -17.09 -5.59
CA VAL B 98 -7.50 -16.02 -4.64
C VAL B 98 -7.90 -14.78 -5.42
N ILE B 99 -9.12 -14.28 -5.15
CA ILE B 99 -9.63 -13.06 -5.73
C ILE B 99 -9.51 -11.96 -4.67
N PHE B 100 -8.94 -10.80 -5.04
CA PHE B 100 -8.91 -9.62 -4.15
C PHE B 100 -9.92 -8.63 -4.70
N GLN B 101 -10.87 -8.23 -3.85
CA GLN B 101 -11.92 -7.29 -4.25
C GLN B 101 -11.76 -6.03 -3.43
N PHE B 102 -11.44 -4.90 -4.10
CA PHE B 102 -11.19 -3.67 -3.37
C PHE B 102 -11.35 -2.44 -4.22
N PRO B 103 -11.65 -1.30 -3.58
CA PRO B 103 -11.53 -0.01 -4.23
C PRO B 103 -10.06 0.42 -4.25
N LEU B 104 -9.64 1.04 -5.34
CA LEU B 104 -8.28 1.58 -5.43
C LEU B 104 -8.16 2.74 -4.46
N TYR B 105 -7.13 2.70 -3.62
CA TYR B 105 -6.78 3.77 -2.70
C TYR B 105 -5.34 4.19 -2.96
N TRP B 106 -5.14 5.41 -3.41
CA TRP B 106 -3.79 5.89 -3.64
C TRP B 106 -3.01 4.97 -4.57
N PHE B 107 -3.64 4.56 -5.68
CA PHE B 107 -2.99 3.73 -6.71
C PHE B 107 -2.56 2.40 -6.16
N SER B 108 -3.23 1.91 -5.12
CA SER B 108 -2.84 0.69 -4.45
C SER B 108 -4.05 0.13 -3.68
N VAL B 109 -3.79 -0.80 -2.80
CA VAL B 109 -4.80 -1.40 -1.97
C VAL B 109 -5.05 -0.52 -0.72
N PRO B 110 -6.32 -0.56 -0.21
CA PRO B 110 -6.57 0.03 1.07
C PRO B 110 -5.60 -0.49 2.12
N ALA B 111 -5.27 0.34 3.11
CA ALA B 111 -4.30 -0.11 4.11
C ALA B 111 -4.68 -1.42 4.81
N ILE B 112 -5.99 -1.66 5.06
CA ILE B 112 -6.31 -2.90 5.75
C ILE B 112 -5.90 -4.14 4.91
N LEU B 113 -6.04 -4.02 3.60
CA LEU B 113 -5.60 -5.08 2.70
C LEU B 113 -4.10 -5.11 2.56
N LYS B 114 -3.44 -3.96 2.54
CA LYS B 114 -1.98 -3.99 2.60
C LYS B 114 -1.50 -4.73 3.85
N GLY B 115 -2.20 -4.55 4.97
CA GLY B 115 -1.82 -5.24 6.18
C GLY B 115 -2.00 -6.74 6.09
N TRP B 116 -3.10 -7.17 5.42
CA TRP B 116 -3.26 -8.61 5.14
C TRP B 116 -2.04 -9.10 4.36
N MET B 117 -1.61 -8.39 3.31
CA MET B 117 -0.47 -8.83 2.53
CA MET B 117 -0.46 -8.79 2.51
C MET B 117 0.79 -8.90 3.39
N ASP B 118 1.05 -7.83 4.14
CA ASP B 118 2.25 -7.73 4.95
C ASP B 118 2.38 -8.84 5.99
N ARG B 119 1.22 -9.19 6.60
CA ARG B 119 1.24 -10.08 7.74
C ARG B 119 1.00 -11.54 7.37
N VAL B 120 0.15 -11.77 6.38
CA VAL B 120 -0.22 -13.14 6.02
C VAL B 120 0.83 -13.80 5.10
N LEU B 121 1.34 -13.04 4.15
CA LEU B 121 2.23 -13.60 3.13
C LEU B 121 3.68 -13.57 3.64
N CYS B 122 3.91 -14.31 4.72
CA CYS B 122 5.20 -14.18 5.42
C CYS B 122 6.26 -15.11 4.85
N GLN B 123 7.51 -14.79 5.20
CA GLN B 123 8.63 -15.62 4.83
C GLN B 123 8.44 -17.01 5.39
N GLY B 124 8.72 -18.02 4.57
CA GLY B 124 8.54 -19.41 4.94
C GLY B 124 7.17 -19.98 4.52
N PHE B 125 6.16 -19.11 4.43
CA PHE B 125 4.82 -19.51 4.05
C PHE B 125 4.58 -19.24 2.56
N ALA B 126 4.79 -18.00 2.14
CA ALA B 126 4.46 -17.61 0.78
C ALA B 126 5.66 -17.65 -0.19
N PHE B 127 6.84 -17.52 0.38
CA PHE B 127 8.09 -17.54 -0.37
C PHE B 127 9.24 -17.84 0.56
N ASP B 128 10.39 -18.09 -0.02
CA ASP B 128 11.65 -18.12 0.74
C ASP B 128 12.66 -17.28 -0.03
N ILE B 129 13.78 -16.99 0.62
CA ILE B 129 14.89 -16.29 -0.03
C ILE B 129 16.10 -17.23 -0.03
N PRO B 130 16.44 -17.86 -1.16
CA PRO B 130 15.70 -17.83 -2.44
C PRO B 130 14.47 -18.72 -2.38
N GLY B 131 13.64 -18.64 -3.42
CA GLY B 131 12.33 -19.30 -3.45
C GLY B 131 11.21 -18.31 -3.69
N PHE B 132 11.32 -17.54 -4.75
CA PHE B 132 10.35 -16.47 -5.08
C PHE B 132 10.15 -16.35 -6.58
N TYR B 133 9.21 -15.54 -6.99
CA TYR B 133 8.71 -15.47 -8.36
C TYR B 133 8.28 -16.87 -8.79
N ASP B 134 8.80 -17.41 -9.89
CA ASP B 134 8.36 -18.74 -10.30
C ASP B 134 8.68 -19.83 -9.32
N SER B 135 9.62 -19.60 -8.42
CA SER B 135 9.98 -20.54 -7.36
C SER B 135 9.26 -20.22 -6.02
N GLY B 136 8.28 -19.32 -6.03
CA GLY B 136 7.56 -19.01 -4.82
C GLY B 136 6.76 -20.16 -4.28
N LEU B 137 6.38 -20.12 -3.03
CA LEU B 137 5.78 -21.29 -2.33
C LEU B 137 4.30 -21.46 -2.67
N LEU B 138 3.66 -20.45 -3.26
CA LEU B 138 2.24 -20.55 -3.65
C LEU B 138 2.10 -20.89 -5.11
N GLN B 139 3.17 -21.40 -5.72
CA GLN B 139 3.08 -21.93 -7.07
C GLN B 139 1.96 -22.98 -7.19
N GLY B 140 1.33 -22.97 -8.35
CA GLY B 140 0.21 -23.83 -8.61
C GLY B 140 -1.14 -23.19 -8.32
N LYS B 141 -1.14 -22.00 -7.74
CA LYS B 141 -2.34 -21.23 -7.44
C LYS B 141 -2.50 -20.08 -8.42
N LEU B 142 -3.73 -19.62 -8.56
CA LEU B 142 -4.09 -18.45 -9.35
C LEU B 142 -4.53 -17.31 -8.47
N ALA B 143 -4.27 -16.09 -8.91
CA ALA B 143 -4.77 -14.90 -8.24
C ALA B 143 -5.32 -13.91 -9.24
N LEU B 144 -6.24 -13.06 -8.79
CA LEU B 144 -6.89 -12.07 -9.62
C LEU B 144 -7.24 -10.84 -8.79
N LEU B 145 -6.91 -9.67 -9.32
CA LEU B 145 -7.35 -8.40 -8.71
C LEU B 145 -8.63 -7.90 -9.33
N SER B 146 -9.66 -7.70 -8.53
CA SER B 146 -10.91 -7.08 -8.96
C SER B 146 -10.97 -5.73 -8.27
N VAL B 147 -10.69 -4.69 -9.05
CA VAL B 147 -10.47 -3.33 -8.57
CA VAL B 147 -10.48 -3.35 -8.52
C VAL B 147 -11.56 -2.37 -9.06
N THR B 148 -12.02 -1.45 -8.19
CA THR B 148 -12.91 -0.40 -8.62
C THR B 148 -12.14 0.93 -8.50
N THR B 149 -12.48 1.92 -9.34
CA THR B 149 -11.74 3.17 -9.32
C THR B 149 -12.67 4.37 -9.25
N GLY B 150 -12.15 5.50 -8.80
CA GLY B 150 -12.77 6.79 -9.05
C GLY B 150 -12.58 7.27 -10.45
N GLY B 151 -11.36 7.11 -10.97
CA GLY B 151 -11.02 7.63 -12.27
C GLY B 151 -11.62 6.79 -13.38
N THR B 152 -11.86 7.45 -14.50
CA THR B 152 -12.35 6.78 -15.72
C THR B 152 -11.27 5.96 -16.41
N ALA B 153 -11.71 5.08 -17.30
CA ALA B 153 -10.74 4.30 -18.09
C ALA B 153 -9.82 5.23 -18.86
N GLU B 154 -10.37 6.31 -19.43
CA GLU B 154 -9.51 7.25 -20.19
C GLU B 154 -8.46 7.91 -19.33
N MET B 155 -8.77 8.20 -18.07
CA MET B 155 -7.78 8.80 -17.17
C MET B 155 -6.63 7.84 -16.91
N TYR B 156 -6.97 6.55 -16.94
CA TYR B 156 -6.00 5.49 -16.71
C TYR B 156 -5.50 4.90 -18.05
N THR B 157 -5.05 5.79 -18.90
CA THR B 157 -4.34 5.43 -20.13
C THR B 157 -2.98 6.08 -20.11
N LYS B 158 -2.09 5.64 -21.01
CA LYS B 158 -0.75 6.23 -21.03
C LYS B 158 -0.79 7.72 -21.22
N THR B 159 -1.77 8.22 -22.00
CA THR B 159 -1.85 9.67 -22.26
C THR B 159 -2.70 10.42 -21.26
N GLY B 160 -3.39 9.67 -20.41
CA GLY B 160 -4.23 10.27 -19.38
C GLY B 160 -3.42 10.69 -18.17
N VAL B 161 -4.10 11.48 -17.33
CA VAL B 161 -3.41 12.10 -16.16
C VAL B 161 -2.91 11.09 -15.18
N ASN B 162 -3.62 9.93 -15.09
CA ASN B 162 -3.23 8.92 -14.13
C ASN B 162 -2.32 7.83 -14.64
N GLY B 163 -2.00 7.88 -15.94
CA GLY B 163 -1.15 6.84 -16.53
C GLY B 163 -1.91 5.53 -16.75
N ASP B 164 -1.29 4.62 -17.47
CA ASP B 164 -1.94 3.33 -17.77
C ASP B 164 -2.27 2.64 -16.42
N SER B 165 -3.43 2.02 -16.34
CA SER B 165 -3.80 1.20 -15.18
C SER B 165 -2.80 0.14 -14.91
N ARG B 166 -2.19 -0.40 -15.96
CA ARG B 166 -1.20 -1.46 -15.78
C ARG B 166 -0.01 -1.00 -14.93
N TYR B 167 0.29 0.29 -14.99
CA TYR B 167 1.42 0.79 -14.22
C TYR B 167 1.28 0.57 -12.76
N PHE B 168 0.10 0.89 -12.17
CA PHE B 168 -0.09 0.72 -10.74
C PHE B 168 -0.21 -0.73 -10.32
N LEU B 169 -0.52 -1.61 -11.30
CA LEU B 169 -0.67 -3.00 -10.98
C LEU B 169 0.65 -3.70 -10.65
N TRP B 170 1.78 -3.13 -11.10
CA TRP B 170 3.06 -3.82 -10.97
C TRP B 170 3.42 -4.30 -9.55
N PRO B 171 3.40 -3.41 -8.53
CA PRO B 171 3.77 -3.90 -7.21
C PRO B 171 2.83 -4.97 -6.65
N LEU B 172 1.56 -4.96 -7.09
CA LEU B 172 0.52 -5.85 -6.62
C LEU B 172 0.61 -7.18 -7.38
N GLN B 173 0.39 -7.14 -8.68
CA GLN B 173 0.42 -8.36 -9.48
C GLN B 173 1.78 -9.03 -9.51
N HIS B 174 2.79 -8.24 -9.77
CA HIS B 174 4.14 -8.79 -9.91
C HIS B 174 4.90 -8.84 -8.62
N GLY B 175 5.00 -7.72 -7.93
CA GLY B 175 5.78 -7.65 -6.71
C GLY B 175 5.23 -8.44 -5.56
N THR B 176 3.93 -8.70 -5.56
CA THR B 176 3.30 -9.43 -4.45
C THR B 176 2.87 -10.81 -4.97
N LEU B 177 1.91 -10.85 -5.88
CA LEU B 177 1.32 -12.13 -6.26
C LEU B 177 2.30 -13.04 -7.01
N HIS B 178 2.90 -12.53 -8.08
CA HIS B 178 3.91 -13.32 -8.78
C HIS B 178 5.09 -13.67 -7.87
N PHE B 179 5.52 -12.73 -7.02
CA PHE B 179 6.61 -12.99 -6.09
C PHE B 179 6.37 -14.24 -5.28
N CYS B 180 5.12 -14.47 -4.87
CA CYS B 180 4.76 -15.64 -4.06
C CYS B 180 4.53 -16.90 -4.88
N GLY B 181 4.65 -16.79 -6.20
CA GLY B 181 4.46 -17.94 -7.09
C GLY B 181 3.10 -18.06 -7.75
N PHE B 182 2.19 -17.15 -7.45
CA PHE B 182 0.91 -17.17 -8.16
C PHE B 182 1.08 -16.97 -9.62
N LYS B 183 0.22 -17.63 -10.41
CA LYS B 183 -0.05 -17.20 -11.78
C LYS B 183 -1.20 -16.17 -11.67
N VAL B 184 -1.14 -15.11 -12.46
CA VAL B 184 -2.04 -13.97 -12.32
C VAL B 184 -3.01 -13.95 -13.50
N LEU B 185 -4.29 -14.02 -13.19
CA LEU B 185 -5.33 -13.80 -14.20
C LEU B 185 -5.50 -12.33 -14.47
N ALA B 186 -5.95 -11.96 -15.66
CA ALA B 186 -6.09 -10.57 -16.03
C ALA B 186 -6.94 -9.84 -15.02
N PRO B 187 -6.61 -8.61 -14.67
CA PRO B 187 -7.39 -7.92 -13.68
C PRO B 187 -8.78 -7.59 -14.15
N GLN B 188 -9.71 -7.53 -13.21
CA GLN B 188 -11.04 -7.02 -13.47
C GLN B 188 -11.09 -5.61 -12.94
N ILE B 189 -11.09 -4.61 -13.82
CA ILE B 189 -11.12 -3.22 -13.37
C ILE B 189 -12.45 -2.63 -13.74
N SER B 190 -13.23 -2.25 -12.74
CA SER B 190 -14.52 -1.62 -12.90
C SER B 190 -14.32 -0.13 -12.70
N PHE B 191 -14.20 0.58 -13.82
CA PHE B 191 -13.87 2.00 -13.76
C PHE B 191 -15.04 2.90 -13.43
N ALA B 192 -14.82 3.80 -12.47
CA ALA B 192 -15.72 4.94 -12.24
C ALA B 192 -17.19 4.52 -12.08
N PRO B 193 -17.49 3.57 -11.20
CA PRO B 193 -18.91 3.26 -10.99
C PRO B 193 -19.72 4.41 -10.43
N GLU B 194 -19.09 5.28 -9.66
CA GLU B 194 -19.81 6.35 -9.03
C GLU B 194 -20.48 7.32 -10.02
N ILE B 195 -19.91 7.51 -11.19
CA ILE B 195 -20.43 8.45 -12.19
C ILE B 195 -21.19 7.71 -13.31
N ALA B 196 -21.17 6.38 -13.28
CA ALA B 196 -21.87 5.58 -14.26
C ALA B 196 -23.37 5.61 -14.01
N SER B 197 -24.15 5.41 -15.08
CA SER B 197 -25.60 5.28 -14.94
C SER B 197 -25.94 3.97 -14.25
N GLU B 198 -27.18 3.86 -13.83
CA GLU B 198 -27.61 2.63 -13.15
C GLU B 198 -27.44 1.42 -14.07
N GLU B 199 -27.83 1.58 -15.32
CA GLU B 199 -27.67 0.54 -16.31
C GLU B 199 -26.20 0.17 -16.55
N GLU B 200 -25.33 1.17 -16.60
CA GLU B 200 -23.89 0.89 -16.77
C GLU B 200 -23.33 0.14 -15.57
N ARG B 201 -23.73 0.53 -14.39
CA ARG B 201 -23.32 -0.15 -13.17
C ARG B 201 -23.76 -1.61 -13.15
N LYS B 202 -25.05 -1.83 -13.44
CA LYS B 202 -25.56 -3.19 -13.52
C LYS B 202 -24.78 -4.00 -14.55
N GLY B 203 -24.42 -3.35 -15.67
CA GLY B 203 -23.66 -4.04 -16.71
C GLY B 203 -22.28 -4.43 -16.23
N MET B 204 -21.62 -3.59 -15.44
CA MET B 204 -20.28 -3.92 -14.93
C MET B 204 -20.36 -5.12 -13.97
N VAL B 205 -21.42 -5.19 -13.16
CA VAL B 205 -21.60 -6.32 -12.26
C VAL B 205 -21.84 -7.59 -13.05
N ALA B 206 -22.75 -7.51 -14.00
CA ALA B 206 -23.05 -8.65 -14.87
C ALA B 206 -21.86 -9.13 -15.66
N ALA B 207 -21.01 -8.20 -16.10
CA ALA B 207 -19.80 -8.55 -16.83
C ALA B 207 -18.85 -9.39 -15.99
N TRP B 208 -18.73 -9.05 -14.72
CA TRP B 208 -17.91 -9.81 -13.80
C TRP B 208 -18.46 -11.20 -13.57
N SER B 209 -19.75 -11.28 -13.34
CA SER B 209 -20.42 -12.59 -13.17
C SER B 209 -20.22 -13.47 -14.41
N GLN B 210 -20.41 -12.87 -15.58
N GLN B 210 -20.47 -12.89 -15.58
CA GLN B 210 -20.24 -13.57 -16.85
CA GLN B 210 -20.25 -13.58 -16.85
C GLN B 210 -18.82 -14.07 -17.01
C GLN B 210 -18.84 -14.07 -17.01
N ARG B 211 -17.85 -13.23 -16.69
CA ARG B 211 -16.48 -13.65 -16.75
C ARG B 211 -16.19 -14.85 -15.84
N LEU B 212 -16.76 -14.83 -14.65
CA LEU B 212 -16.48 -15.89 -13.71
C LEU B 212 -17.04 -17.24 -14.18
N GLN B 213 -18.06 -17.23 -15.08
CA GLN B 213 -18.58 -18.50 -15.60
C GLN B 213 -17.48 -19.33 -16.26
N THR B 214 -16.47 -18.70 -16.83
CA THR B 214 -15.42 -19.40 -17.54
C THR B 214 -14.04 -19.12 -16.99
N ILE B 215 -13.99 -18.76 -15.73
CA ILE B 215 -12.71 -18.33 -15.13
C ILE B 215 -11.67 -19.42 -15.14
N TRP B 216 -12.12 -20.69 -14.99
CA TRP B 216 -11.19 -21.80 -14.87
C TRP B 216 -10.60 -22.20 -16.26
N LYS B 217 -11.11 -21.61 -17.34
CA LYS B 217 -10.60 -21.82 -18.67
C LYS B 217 -9.63 -20.76 -19.11
N GLU B 218 -9.48 -19.69 -18.33
CA GLU B 218 -8.57 -18.58 -18.71
C GLU B 218 -7.12 -18.96 -18.59
N GLU B 219 -6.32 -18.40 -19.48
CA GLU B 219 -4.90 -18.38 -19.32
C GLU B 219 -4.47 -17.17 -18.51
N PRO B 220 -3.45 -17.38 -17.68
CA PRO B 220 -2.90 -16.23 -16.95
C PRO B 220 -2.19 -15.25 -17.90
N ILE B 221 -2.01 -14.03 -17.39
CA ILE B 221 -1.22 -13.07 -18.15
C ILE B 221 0.25 -13.44 -18.04
N PRO B 222 1.07 -12.94 -19.00
CA PRO B 222 2.53 -13.03 -18.79
C PRO B 222 2.87 -11.89 -17.83
N CYS B 223 3.16 -12.21 -16.58
CA CYS B 223 3.27 -11.17 -15.54
C CYS B 223 4.69 -10.64 -15.53
N THR B 224 4.96 -9.84 -16.55
CA THR B 224 6.28 -9.33 -16.85
C THR B 224 6.30 -7.85 -16.94
N ALA B 225 7.50 -7.28 -16.94
CA ALA B 225 7.63 -5.86 -17.16
C ALA B 225 7.05 -5.46 -18.51
N HIS B 226 7.21 -6.28 -19.53
CA HIS B 226 6.60 -5.91 -20.81
C HIS B 226 5.07 -5.79 -20.74
N TRP B 227 4.42 -6.72 -20.06
CA TRP B 227 2.97 -6.62 -19.94
C TRP B 227 2.55 -5.29 -19.26
N HIS B 228 3.27 -4.98 -18.19
CA HIS B 228 2.90 -3.81 -17.40
C HIS B 228 3.28 -2.47 -18.04
N PHE B 229 4.43 -2.40 -18.74
CA PHE B 229 4.97 -1.12 -19.18
C PHE B 229 5.18 -1.00 -20.68
N GLY B 230 5.05 -2.09 -21.43
CA GLY B 230 5.46 -2.16 -22.87
C GLY B 230 4.51 -1.34 -23.65
ZN ZN C . 4.22 12.57 -11.10
PA FAD D . 17.92 -3.49 10.48
O1A FAD D . 17.82 -4.95 10.61
O2A FAD D . 17.49 -2.60 11.58
O5B FAD D . 19.43 -3.06 10.11
C5B FAD D . 20.57 -3.87 10.07
C4B FAD D . 21.40 -3.57 11.22
O4B FAD D . 21.80 -2.17 11.17
C3B FAD D . 20.82 -3.88 12.60
O3B FAD D . 21.56 -4.90 13.27
C2B FAD D . 21.06 -2.60 13.31
O2B FAD D . 21.40 -2.68 14.65
C1B FAD D . 22.14 -1.89 12.52
N9A FAD D . 22.26 -0.47 12.69
C8A FAD D . 21.33 0.41 13.15
N7A FAD D . 21.78 1.64 13.18
C5A FAD D . 23.05 1.60 12.71
C6A FAD D . 24.09 2.57 12.50
N6A FAD D . 23.92 3.85 12.77
N1A FAD D . 25.23 2.15 11.95
C2A FAD D . 25.42 0.85 11.67
N3A FAD D . 24.50 -0.11 11.86
C4A FAD D . 23.34 0.24 12.38
N1 FAD D . 12.64 -5.93 0.92
C2 FAD D . 12.64 -5.69 -0.41
O2 FAD D . 13.72 -5.46 -1.03
N3 FAD D . 11.46 -5.68 -1.12
C4 FAD D . 10.21 -5.91 -0.54
O4 FAD D . 9.17 -5.80 -1.24
C4X FAD D . 10.20 -6.24 0.85
N5 FAD D . 9.03 -6.47 1.46
C5X FAD D . 9.04 -6.76 2.79
C6 FAD D . 7.83 -7.05 3.48
C7 FAD D . 7.81 -7.26 4.83
C7M FAD D . 6.49 -7.59 5.47
C8 FAD D . 9.04 -7.22 5.58
C8M FAD D . 9.02 -7.51 7.06
C9 FAD D . 10.20 -6.94 4.92
C9A FAD D . 10.26 -6.71 3.56
N10 FAD D . 11.46 -6.42 2.89
C10 FAD D . 11.48 -6.17 1.56
C1' FAD D . 12.75 -6.35 3.62
C2' FAD D . 12.81 -5.00 4.35
O2' FAD D . 12.72 -3.91 3.42
C3' FAD D . 14.19 -4.89 5.04
O3' FAD D . 14.27 -5.98 5.96
C4' FAD D . 14.39 -3.52 5.72
O4' FAD D . 14.49 -2.53 4.73
C5' FAD D . 15.70 -3.51 6.55
O5' FAD D . 15.75 -2.27 7.30
P FAD D . 15.78 -2.29 8.87
O1P FAD D . 15.83 -0.90 9.33
O2P FAD D . 14.70 -3.17 9.39
O3P FAD D . 17.15 -3.04 9.14
C1 6T2 E . 11.50 -8.77 -1.93
C2 6T2 E . 10.59 -9.34 0.27
C3 6T2 E . 9.27 -9.39 -0.21
C4 6T2 E . 8.27 -9.67 0.68
C5 6T2 E . 17.84 -10.36 0.21
C6 6T2 E . 8.58 -9.98 2.01
C7 6T2 E . 9.93 -9.97 2.42
C9 6T2 E . 13.00 -9.29 -0.41
C10 6T2 E . 13.62 -9.10 -1.62
C11 6T2 E . 10.23 -10.32 3.77
C12 6T2 E . 14.99 -9.25 -1.78
C13 6T2 E . 15.72 -9.64 -0.64
C14 6T2 E . 9.22 -10.60 4.63
C15 6T2 E . 7.87 -10.63 4.23
C30 6T2 E . 11.84 -10.20 5.58
C40 6T2 E . 13.27 -10.01 5.89
C50 6T2 E . 14.10 -11.20 5.38
N80 6T2 E . 15.54 -10.99 5.62
C60 6T2 E . 13.83 -11.34 3.86
C70 6T2 E . 12.34 -11.48 3.54
N4 6T2 E . 11.59 -10.31 4.12
N3 6T2 E . 10.91 -9.65 1.52
C16 6T2 E . 7.57 -10.30 2.94
N1 6T2 E . 11.65 -9.09 -0.61
N2 6T2 E . 12.68 -8.75 -2.57
C19 6T2 E . 13.73 -9.60 0.71
C18 6T2 E . 15.08 -9.78 0.57
O1 6T2 E . 17.06 -9.83 -0.89
C23 6T2 E . 19.20 -10.71 -0.38
C27 6T2 E . 19.18 -11.95 -1.27
C24 6T2 E . 20.25 -10.95 0.70
O2 6T2 E . 20.97 -9.73 -0.09
C26 6T2 E . 19.96 -9.63 -1.01
PA FAD F . -20.05 2.94 -4.48
O1A FAD F . -20.14 4.42 -4.21
O2A FAD F . -20.48 1.98 -3.47
O5B FAD F . -20.89 2.57 -5.77
C5B FAD F . -21.39 3.47 -6.69
C4B FAD F . -22.84 3.21 -6.87
O4B FAD F . -23.09 1.87 -7.31
C3B FAD F . -23.64 3.42 -5.59
O3B FAD F . -24.73 4.31 -5.87
C2B FAD F . -24.12 2.04 -5.24
O2B FAD F . -25.36 2.09 -4.57
C1B FAD F . -24.26 1.46 -6.62
N9A FAD F . -24.38 0.00 -6.65
C8A FAD F . -24.01 -0.90 -5.72
N7A FAD F . -24.30 -2.14 -6.16
C5A FAD F . -24.86 -2.05 -7.35
C6A FAD F . -25.44 -2.95 -8.30
N6A FAD F . -25.43 -4.28 -8.08
N1A FAD F . -25.89 -2.45 -9.45
C2A FAD F . -25.90 -1.10 -9.72
N3A FAD F . -25.43 -0.18 -8.85
C4A FAD F . -24.93 -0.63 -7.69
N1 FAD F . -9.76 6.37 -7.18
C2 FAD F . -8.80 6.30 -8.13
O2 FAD F . -9.12 6.22 -9.34
N3 FAD F . -7.49 6.35 -7.81
C4 FAD F . -7.03 6.42 -6.55
O4 FAD F . -5.78 6.38 -6.31
C4X FAD F . -7.99 6.53 -5.50
N5 FAD F . -7.61 6.65 -4.21
C5X FAD F . -8.55 6.73 -3.25
C6 FAD F . -8.15 6.86 -1.93
C7 FAD F . -9.08 6.90 -0.90
C7M FAD F . -8.61 7.03 0.52
C8 FAD F . -10.48 6.84 -1.22
C8M FAD F . -11.52 6.90 -0.12
C9 FAD F . -10.90 6.70 -2.53
C9A FAD F . -9.94 6.67 -3.57
N10 FAD F . -10.35 6.54 -4.90
C10 FAD F . -9.38 6.49 -5.90
C1' FAD F . -11.74 6.44 -5.25
C2' FAD F . -12.24 4.99 -5.02
O2' FAD F . -11.43 4.05 -5.73
C3' FAD F . -13.67 4.86 -5.52
O3' FAD F . -14.46 5.80 -4.79
C4' FAD F . -14.24 3.42 -5.35
O4' FAD F . -13.54 2.57 -6.22
C5' FAD F . -15.72 3.36 -5.65
O5' FAD F . -16.22 2.03 -5.36
P FAD F . -17.33 1.83 -4.27
O1P FAD F . -17.63 0.38 -4.15
O2P FAD F . -16.94 2.56 -3.02
O3P FAD F . -18.54 2.61 -4.97
ZN ZN G . 5.10 -10.91 -12.69
C1 6T2 H . -7.28 9.54 -7.99
C2 6T2 H . -8.20 9.78 -5.74
C3 6T2 H . -6.98 9.79 -5.06
C4 6T2 H . -6.94 9.88 -3.70
C5 6T2 H . -13.26 11.25 -10.79
C6 6T2 H . -8.13 10.04 -3.02
C7 6T2 H . -9.38 10.05 -3.75
C9 6T2 H . -9.43 9.95 -7.92
C10 6T2 H . -8.97 9.92 -9.21
C11 6T2 H . -10.59 10.21 -3.00
C12 6T2 H . -9.82 10.18 -10.28
C13 6T2 H . -11.17 10.45 -10.01
C14 6T2 H . -10.48 10.32 -1.59
C15 6T2 H . -9.27 10.27 -0.92
C30 6T2 H . -12.95 9.84 -2.91
C40 6T2 H . -14.12 9.67 -3.80
C50 6T2 H . -14.38 11.06 -4.47
N80 6T2 H . -15.54 10.93 -5.36
C60 6T2 H . -13.19 11.42 -5.31
C70 6T2 H . -11.95 11.51 -4.43
N4 6T2 H . -11.77 10.22 -3.71
N3 6T2 H . -9.36 9.90 -5.09
C16 6T2 H . -8.08 10.15 -1.61
N1 6T2 H . -8.31 9.69 -7.12
N2 6T2 H . -7.61 9.65 -9.24
C19 6T2 H . -10.77 10.13 -7.66
C18 6T2 H . -11.67 10.42 -8.72
O1 6T2 H . -11.94 10.75 -11.08
C23 6T2 H . -13.78 11.80 -12.12
C27 6T2 H . -13.06 13.03 -12.63
C24 6T2 H . -15.33 12.02 -12.09
O2 6T2 H . -15.20 10.92 -13.30
C26 6T2 H . -13.82 10.76 -13.21
#